data_8RGC
#
_entry.id   8RGC
#
_cell.length_a   107.310
_cell.length_b   107.310
_cell.length_c   107.310
_cell.angle_alpha   90.00
_cell.angle_beta   90.00
_cell.angle_gamma   90.00
#
_symmetry.space_group_name_H-M   'P 21 3'
#
loop_
_entity.id
_entity.type
_entity.pdbx_description
1 polymer 'Copper-containing nitrite reductase'
2 branched beta-D-fructofuranose-(2-1)-alpha-D-glucopyranose
3 non-polymer 'COPPER (II) ION'
4 non-polymer 'NITRITE ION'
5 non-polymer 'NITRIC OXIDE'
6 non-polymer GLYCEROL
7 non-polymer 'CARBON DIOXIDE'
8 non-polymer 'SULFATE ION'
9 water water
#
_entity_poly.entity_id   1
_entity_poly.type   'polypeptide(L)'
_entity_poly.pdbx_seq_one_letter_code
;MDDLKLPRQRVDLVAPPFVHVHEQATKQGPKIMEFKLVVQEKKMVIDEKGTTFQAMTFNGSMPGPLMVVHEGDYVEVTLV
NPATNTMPHNIDFHSATGALGGGALTLINPGEQVVLRWKATRTGVFVYHCAPGGPMIPWHVVSGMNGAVMVLPRDGLNDG
HGHSLRYDRIYYIGEQDLYVPRDEKGNFKSYDSPGEAYSDTEEVMRKLTPTHVVFNGKAGALTGKNALNANVGENVLIVH
SQANRDSRPHLIGGHGDYVWETGKFSNAPETGLETWFIRGGSAGAALYKFLQPGIYAYVTHNLIEAANLGATAHFKVEGK
WNDDLMTQVKAPADIPTGSTNENLYFQG
;
_entity_poly.pdbx_strand_id   A
#
loop_
_chem_comp.id
_chem_comp.type
_chem_comp.name
_chem_comp.formula
CO2 non-polymer 'CARBON DIOXIDE' 'C O2'
CU non-polymer 'COPPER (II) ION' 'Cu 2'
FRU D-saccharide, beta linking beta-D-fructofuranose 'C6 H12 O6'
GLC D-saccharide, alpha linking alpha-D-glucopyranose 'C6 H12 O6'
GOL non-polymer GLYCEROL 'C3 H8 O3'
NO non-polymer 'NITRIC OXIDE' 'N O'
NO2 non-polymer 'NITRITE ION' 'N O2 -1'
SO4 non-polymer 'SULFATE ION' 'O4 S -2'
#
# COMPACT_ATOMS: atom_id res chain seq x y z
N ASP A 3 17.78 -17.49 24.04
CA ASP A 3 19.11 -17.12 23.45
C ASP A 3 19.10 -15.62 23.18
N LEU A 4 18.06 -15.10 22.49
CA LEU A 4 18.07 -13.70 22.11
C LEU A 4 17.50 -12.87 23.26
N LYS A 5 18.37 -12.08 23.88
CA LYS A 5 18.05 -11.40 25.13
C LYS A 5 17.94 -9.89 24.88
N LEU A 6 16.87 -9.46 24.20
CA LEU A 6 16.63 -8.06 23.94
C LEU A 6 15.29 -7.70 24.53
N PRO A 7 15.01 -6.42 24.80
CA PRO A 7 13.68 -6.02 25.21
C PRO A 7 12.65 -6.40 24.15
N ARG A 8 11.46 -6.82 24.56
CA ARG A 8 10.35 -7.11 23.65
C ARG A 8 9.35 -5.96 23.68
N GLN A 9 8.80 -5.58 22.52
CA GLN A 9 7.80 -4.52 22.46
C GLN A 9 6.70 -4.99 21.51
N ARG A 10 5.47 -5.07 22.03
CA ARG A 10 4.28 -5.49 21.31
C ARG A 10 3.78 -4.29 20.53
N VAL A 11 3.52 -4.47 19.21
CA VAL A 11 2.93 -3.38 18.44
C VAL A 11 1.50 -3.73 18.12
N ASP A 12 0.59 -2.76 18.24
CA ASP A 12 -0.78 -2.93 17.76
C ASP A 12 -0.89 -2.29 16.38
N LEU A 13 -1.18 -3.11 15.40
CA LEU A 13 -1.36 -2.64 14.03
C LEU A 13 -2.68 -1.91 13.90
N VAL A 14 -2.69 -0.96 12.95
CA VAL A 14 -3.95 -0.35 12.59
C VAL A 14 -4.23 -0.57 11.11
N ALA A 15 -5.48 -0.32 10.72
CA ALA A 15 -5.94 -0.51 9.37
C ALA A 15 -5.37 0.58 8.46
N PRO A 16 -4.88 0.22 7.26
CA PRO A 16 -4.48 1.22 6.28
CA PRO A 16 -4.50 1.19 6.25
C PRO A 16 -5.69 2.10 5.93
N PRO A 17 -5.48 3.36 5.48
CA PRO A 17 -4.16 3.90 5.11
C PRO A 17 -3.35 4.46 6.25
N PHE A 18 -3.88 4.30 7.49
CA PHE A 18 -3.21 4.82 8.69
C PHE A 18 -2.10 3.85 9.06
N VAL A 19 -1.22 4.29 9.96
CA VAL A 19 -0.01 3.57 10.33
C VAL A 19 0.11 3.64 11.86
N HIS A 20 0.51 2.53 12.49
CA HIS A 20 0.65 2.52 13.94
C HIS A 20 1.73 3.51 14.39
N VAL A 21 1.62 3.92 15.67
CA VAL A 21 2.52 4.92 16.23
C VAL A 21 3.93 4.36 16.26
N HIS A 22 4.88 5.24 15.97
CA HIS A 22 6.28 4.85 15.87
C HIS A 22 7.09 6.13 15.96
N GLU A 23 8.37 5.96 16.29
CA GLU A 23 9.33 7.06 16.22
C GLU A 23 10.04 7.04 14.87
N GLN A 24 10.44 8.20 14.35
CA GLN A 24 11.32 8.26 13.19
C GLN A 24 12.75 8.03 13.62
N ALA A 25 13.39 9.04 14.20
CA ALA A 25 14.72 8.86 14.74
C ALA A 25 14.55 8.28 16.15
N THR A 26 15.44 7.38 16.53
CA THR A 26 15.35 6.71 17.83
C THR A 26 16.75 6.58 18.41
N LYS A 27 16.83 6.71 19.75
CA LYS A 27 18.09 6.40 20.41
C LYS A 27 17.96 5.09 21.16
N GLN A 28 16.81 4.43 21.03
CA GLN A 28 16.67 3.08 21.56
C GLN A 28 17.60 2.15 20.77
N GLY A 29 18.06 1.13 21.46
CA GLY A 29 18.80 0.08 20.79
C GLY A 29 17.83 -0.93 20.20
N PRO A 30 18.38 -1.99 19.57
CA PRO A 30 17.56 -3.06 18.98
C PRO A 30 16.60 -3.70 19.96
N LYS A 31 15.40 -3.93 19.45
CA LYS A 31 14.35 -4.57 20.24
C LYS A 31 13.83 -5.72 19.43
N ILE A 32 13.12 -6.62 20.11
CA ILE A 32 12.28 -7.60 19.46
C ILE A 32 10.90 -6.98 19.38
N MET A 33 10.48 -6.68 18.14
CA MET A 33 9.20 -6.05 17.90
C MET A 33 8.21 -7.15 17.51
N GLU A 34 7.12 -7.24 18.26
CA GLU A 34 6.16 -8.34 18.18
C GLU A 34 4.88 -7.88 17.48
N PHE A 35 4.53 -8.60 16.42
CA PHE A 35 3.37 -8.31 15.60
C PHE A 35 2.53 -9.57 15.47
N LYS A 36 1.23 -9.40 15.31
CA LYS A 36 0.32 -10.49 15.04
C LYS A 36 -0.51 -10.14 13.81
N LEU A 37 -0.59 -11.12 12.90
CA LEU A 37 -1.41 -11.04 11.72
C LEU A 37 -2.33 -12.25 11.70
N VAL A 38 -3.61 -11.97 11.51
CA VAL A 38 -4.63 -13.00 11.41
C VAL A 38 -5.19 -13.04 10.00
N VAL A 39 -5.19 -14.22 9.36
CA VAL A 39 -5.73 -14.35 8.04
C VAL A 39 -7.24 -14.31 8.13
N GLN A 40 -7.87 -13.59 7.21
CA GLN A 40 -9.33 -13.62 7.09
CA GLN A 40 -9.33 -13.59 7.11
C GLN A 40 -9.69 -13.72 5.62
N GLU A 41 -10.32 -14.84 5.27
CA GLU A 41 -10.99 -15.02 4.00
C GLU A 41 -12.41 -14.46 4.14
N LYS A 42 -12.83 -13.58 3.22
CA LYS A 42 -14.17 -13.03 3.25
C LYS A 42 -14.56 -12.39 1.92
N LYS A 43 -15.86 -12.43 1.64
CA LYS A 43 -16.41 -11.72 0.50
C LYS A 43 -16.31 -10.22 0.80
N MET A 44 -15.84 -9.42 -0.17
CA MET A 44 -15.67 -7.99 0.01
C MET A 44 -16.22 -7.26 -1.21
N VAL A 45 -16.74 -6.07 -0.97
CA VAL A 45 -17.16 -5.18 -2.04
C VAL A 45 -15.93 -4.44 -2.56
N ILE A 46 -15.73 -4.41 -3.89
CA ILE A 46 -14.52 -3.83 -4.48
C ILE A 46 -14.79 -2.69 -5.46
N ASP A 47 -16.05 -2.38 -5.79
CA ASP A 47 -16.29 -1.23 -6.66
C ASP A 47 -17.55 -0.47 -6.26
N GLU A 48 -17.81 0.64 -6.94
CA GLU A 48 -18.90 1.50 -6.53
C GLU A 48 -20.26 1.00 -7.05
N LYS A 49 -20.29 -0.06 -7.85
CA LYS A 49 -21.53 -0.67 -8.30
C LYS A 49 -21.89 -1.87 -7.43
N GLY A 50 -21.08 -2.15 -6.42
CA GLY A 50 -21.36 -3.21 -5.47
C GLY A 50 -20.79 -4.58 -5.84
N THR A 51 -19.95 -4.67 -6.87
CA THR A 51 -19.31 -5.92 -7.22
C THR A 51 -18.58 -6.50 -6.02
N THR A 52 -18.76 -7.81 -5.81
CA THR A 52 -18.07 -8.47 -4.72
C THR A 52 -17.07 -9.46 -5.27
N PHE A 53 -16.11 -9.84 -4.40
CA PHE A 53 -15.21 -10.91 -4.76
C PHE A 53 -14.76 -11.60 -3.47
N GLN A 54 -14.28 -12.82 -3.68
CA GLN A 54 -13.82 -13.65 -2.60
C GLN A 54 -12.39 -13.28 -2.26
N ALA A 55 -12.26 -12.43 -1.29
CA ALA A 55 -10.96 -11.89 -0.89
C ALA A 55 -10.31 -12.81 0.14
N MET A 56 -8.99 -12.67 0.22
CA MET A 56 -8.17 -13.29 1.25
CA MET A 56 -8.17 -13.29 1.24
C MET A 56 -7.23 -12.21 1.75
N THR A 57 -7.23 -11.97 3.08
CA THR A 57 -6.59 -10.82 3.65
C THR A 57 -5.76 -11.19 4.89
N PHE A 58 -4.79 -10.32 5.17
CA PHE A 58 -4.16 -10.22 6.47
C PHE A 58 -4.91 -9.15 7.26
N ASN A 59 -5.51 -9.57 8.38
CA ASN A 59 -6.15 -8.65 9.32
C ASN A 59 -7.40 -8.01 8.76
N GLY A 60 -8.02 -8.61 7.76
CA GLY A 60 -9.33 -8.18 7.30
C GLY A 60 -9.33 -6.98 6.35
N SER A 61 -8.15 -6.53 5.93
CA SER A 61 -7.97 -5.32 5.10
C SER A 61 -7.18 -5.69 3.84
N MET A 62 -7.43 -4.94 2.75
CA MET A 62 -6.52 -4.93 1.62
C MET A 62 -6.10 -3.49 1.52
N PRO A 63 -4.81 -3.14 1.59
CA PRO A 63 -3.71 -4.07 1.86
C PRO A 63 -3.72 -4.47 3.31
N GLY A 64 -2.85 -5.44 3.63
CA GLY A 64 -2.55 -5.72 5.02
C GLY A 64 -1.90 -4.51 5.66
N PRO A 65 -1.82 -4.44 7.00
CA PRO A 65 -1.31 -3.25 7.65
C PRO A 65 0.18 -3.01 7.42
N LEU A 66 0.59 -1.73 7.52
CA LEU A 66 1.98 -1.41 7.46
C LEU A 66 2.63 -1.71 8.82
N MET A 67 3.72 -2.43 8.80
CA MET A 67 4.52 -2.67 10.00
C MET A 67 5.74 -1.76 9.94
N VAL A 68 6.07 -1.03 11.04
CA VAL A 68 7.18 -0.11 11.06
C VAL A 68 8.15 -0.52 12.17
N VAL A 69 9.41 -0.72 11.79
CA VAL A 69 10.51 -1.02 12.72
C VAL A 69 11.75 -0.24 12.30
N HIS A 70 12.86 -0.38 13.07
CA HIS A 70 14.11 0.25 12.75
C HIS A 70 15.19 -0.80 12.45
N GLU A 71 16.16 -0.38 11.65
CA GLU A 71 17.27 -1.20 11.24
C GLU A 71 17.90 -1.85 12.47
N GLY A 72 18.12 -3.16 12.42
CA GLY A 72 18.74 -3.83 13.54
C GLY A 72 17.73 -4.44 14.52
N ASP A 73 16.45 -4.08 14.44
CA ASP A 73 15.42 -4.70 15.24
C ASP A 73 15.23 -6.13 14.73
N TYR A 74 14.61 -6.92 15.59
CA TYR A 74 14.13 -8.26 15.26
C TYR A 74 12.64 -8.19 15.24
N VAL A 75 12.04 -8.79 14.22
CA VAL A 75 10.62 -8.73 14.01
C VAL A 75 10.10 -10.13 14.24
N GLU A 76 9.27 -10.27 15.26
CA GLU A 76 8.64 -11.54 15.59
C GLU A 76 7.16 -11.47 15.27
N VAL A 77 6.79 -12.26 14.29
CA VAL A 77 5.45 -12.25 13.72
C VAL A 77 4.78 -13.56 14.08
N THR A 78 3.64 -13.46 14.78
CA THR A 78 2.70 -14.55 14.92
C THR A 78 1.68 -14.45 13.81
N LEU A 79 1.64 -15.48 12.95
CA LEU A 79 0.66 -15.57 11.91
C LEU A 79 -0.38 -16.62 12.33
N VAL A 80 -1.64 -16.23 12.28
CA VAL A 80 -2.77 -17.05 12.71
C VAL A 80 -3.69 -17.31 11.53
N ASN A 81 -4.06 -18.58 11.34
CA ASN A 81 -4.98 -18.97 10.30
C ASN A 81 -6.19 -19.62 10.97
N PRO A 82 -7.22 -18.82 11.34
CA PRO A 82 -8.39 -19.35 12.06
C PRO A 82 -9.10 -20.50 11.37
N ALA A 83 -9.75 -21.35 12.17
CA ALA A 83 -10.35 -22.55 11.63
C ALA A 83 -11.57 -22.27 10.78
N THR A 84 -12.08 -21.03 10.76
CA THR A 84 -13.15 -20.68 9.84
C THR A 84 -12.65 -20.51 8.40
N ASN A 85 -11.34 -20.33 8.22
CA ASN A 85 -10.77 -20.28 6.88
C ASN A 85 -10.76 -21.67 6.23
N THR A 86 -10.52 -21.74 4.91
CA THR A 86 -10.70 -22.94 4.11
C THR A 86 -9.35 -23.38 3.53
N MET A 87 -8.36 -22.49 3.46
CA MET A 87 -7.11 -22.72 2.76
CA MET A 87 -7.12 -22.86 2.82
C MET A 87 -5.93 -22.63 3.72
N PRO A 88 -4.78 -23.28 3.39
CA PRO A 88 -3.50 -22.96 4.01
C PRO A 88 -2.99 -21.61 3.52
N HIS A 89 -2.26 -20.93 4.40
CA HIS A 89 -1.66 -19.62 4.14
C HIS A 89 -0.28 -19.58 4.78
N ASN A 90 0.56 -18.63 4.35
CA ASN A 90 1.86 -18.39 4.94
C ASN A 90 2.20 -16.92 4.75
N ILE A 91 3.46 -16.55 5.01
CA ILE A 91 3.88 -15.18 4.79
C ILE A 91 5.34 -15.16 4.39
N ASP A 92 5.61 -14.32 3.37
CA ASP A 92 6.94 -14.03 2.83
C ASP A 92 7.21 -12.51 2.94
N PHE A 93 8.26 -12.17 3.66
CA PHE A 93 8.70 -10.82 3.84
C PHE A 93 9.84 -10.54 2.88
N HIS A 94 9.65 -9.56 1.98
CA HIS A 94 10.74 -9.12 1.14
C HIS A 94 11.89 -8.46 1.92
N SER A 95 11.64 -8.05 3.17
CA SER A 95 12.63 -7.43 4.00
C SER A 95 13.56 -8.45 4.68
N ALA A 96 13.22 -9.74 4.63
CA ALA A 96 13.87 -10.78 5.43
C ALA A 96 14.81 -11.59 4.55
N THR A 97 15.75 -12.30 5.18
CA THR A 97 16.75 -13.07 4.47
C THR A 97 16.64 -14.55 4.80
N GLY A 98 16.40 -15.37 3.79
CA GLY A 98 16.32 -16.81 3.88
C GLY A 98 14.91 -17.40 3.78
N ALA A 99 14.86 -18.72 3.48
CA ALA A 99 13.65 -19.52 3.57
C ALA A 99 12.48 -18.86 2.81
N LEU A 100 12.79 -18.37 1.61
CA LEU A 100 11.81 -17.74 0.73
C LEU A 100 11.13 -16.57 1.46
N GLY A 101 11.91 -15.77 2.18
CA GLY A 101 11.40 -14.64 2.92
C GLY A 101 10.56 -15.03 4.14
N GLY A 102 10.65 -16.30 4.56
CA GLY A 102 9.82 -16.82 5.62
C GLY A 102 8.72 -17.75 5.18
N GLY A 103 8.42 -17.79 3.87
CA GLY A 103 7.29 -18.59 3.44
C GLY A 103 7.52 -20.07 3.70
N ALA A 104 8.77 -20.48 3.62
CA ALA A 104 9.13 -21.87 3.82
C ALA A 104 9.02 -22.30 5.28
N LEU A 105 8.84 -21.36 6.21
CA LEU A 105 8.75 -21.67 7.63
C LEU A 105 7.37 -21.36 8.21
N THR A 106 6.38 -20.91 7.40
CA THR A 106 5.18 -20.32 7.98
C THR A 106 3.90 -20.92 7.38
N LEU A 107 3.95 -22.05 6.66
CA LEU A 107 2.74 -22.60 6.09
C LEU A 107 1.88 -23.20 7.21
N ILE A 108 0.64 -22.73 7.31
CA ILE A 108 -0.28 -23.12 8.37
C ILE A 108 -1.63 -23.44 7.78
N ASN A 109 -2.20 -24.54 8.27
CA ASN A 109 -3.55 -24.94 7.93
C ASN A 109 -4.56 -24.19 8.81
N PRO A 110 -5.83 -24.11 8.39
CA PRO A 110 -6.87 -23.52 9.24
C PRO A 110 -6.81 -24.23 10.60
N GLY A 111 -6.82 -23.44 11.66
CA GLY A 111 -6.78 -23.91 13.03
C GLY A 111 -5.39 -23.86 13.61
N GLU A 112 -4.41 -23.35 12.84
CA GLU A 112 -3.04 -23.26 13.30
C GLU A 112 -2.49 -21.85 13.30
N GLN A 113 -1.42 -21.69 14.04
CA GLN A 113 -0.59 -20.51 14.05
C GLN A 113 0.90 -20.87 14.08
N VAL A 114 1.75 -19.88 13.78
CA VAL A 114 3.17 -20.06 13.66
C VAL A 114 3.81 -18.75 14.09
N VAL A 115 5.05 -18.82 14.57
CA VAL A 115 5.81 -17.65 14.99
C VAL A 115 7.17 -17.66 14.27
N LEU A 116 7.40 -16.61 13.48
CA LEU A 116 8.63 -16.40 12.74
C LEU A 116 9.36 -15.18 13.27
N ARG A 117 10.68 -15.21 13.33
CA ARG A 117 11.47 -14.06 13.68
C ARG A 117 12.46 -13.78 12.58
N TRP A 118 12.53 -12.52 12.13
CA TRP A 118 13.51 -12.14 11.15
C TRP A 118 14.17 -10.85 11.60
N LYS A 119 15.44 -10.73 11.28
CA LYS A 119 16.23 -9.56 11.59
C LYS A 119 16.09 -8.52 10.47
N ALA A 120 15.81 -7.26 10.88
CA ALA A 120 15.63 -6.14 9.94
C ALA A 120 16.96 -5.52 9.56
N THR A 121 17.69 -6.18 8.67
CA THR A 121 19.01 -5.80 8.26
C THR A 121 19.02 -4.82 7.10
N ARG A 122 17.90 -4.63 6.40
CA ARG A 122 17.91 -3.79 5.20
C ARG A 122 16.84 -2.70 5.35
N THR A 123 17.22 -1.45 5.13
CA THR A 123 16.32 -0.32 5.29
C THR A 123 15.47 -0.12 4.04
N GLY A 124 14.28 0.43 4.24
CA GLY A 124 13.37 0.74 3.15
C GLY A 124 11.96 0.34 3.47
N VAL A 125 11.11 0.40 2.45
CA VAL A 125 9.78 -0.14 2.51
C VAL A 125 9.81 -1.39 1.62
N PHE A 126 9.12 -2.42 2.07
CA PHE A 126 9.19 -3.74 1.45
C PHE A 126 7.79 -4.33 1.44
N VAL A 127 7.49 -5.12 0.41
CA VAL A 127 6.27 -5.90 0.36
C VAL A 127 6.39 -7.12 1.27
N TYR A 128 5.25 -7.51 1.88
CA TYR A 128 5.07 -8.87 2.38
C TYR A 128 3.82 -9.43 1.74
N HIS A 129 3.80 -10.75 1.54
CA HIS A 129 2.63 -11.38 0.92
C HIS A 129 2.58 -12.86 1.24
N CYS A 130 1.41 -13.45 1.04
CA CYS A 130 1.22 -14.89 1.17
C CYS A 130 1.88 -15.53 -0.06
N ALA A 131 2.36 -16.75 0.08
CA ALA A 131 3.00 -17.45 -1.03
C ALA A 131 2.95 -18.96 -0.78
N PRO A 132 1.78 -19.60 -0.83
CA PRO A 132 1.70 -21.00 -0.38
C PRO A 132 2.41 -22.03 -1.27
N GLY A 133 2.69 -21.71 -2.51
CA GLY A 133 3.36 -22.63 -3.42
C GLY A 133 2.68 -22.69 -4.79
N GLY A 134 3.51 -22.70 -5.83
CA GLY A 134 3.01 -22.90 -7.19
C GLY A 134 1.96 -21.85 -7.58
N PRO A 135 0.89 -22.25 -8.31
CA PRO A 135 -0.13 -21.31 -8.78
C PRO A 135 -0.91 -20.64 -7.63
N MET A 136 -0.78 -21.20 -6.41
CA MET A 136 -1.45 -20.60 -5.29
C MET A 136 -0.78 -19.27 -4.97
N ILE A 137 0.48 -19.07 -5.37
CA ILE A 137 1.17 -17.84 -5.01
C ILE A 137 0.44 -16.64 -5.66
N PRO A 138 0.32 -16.54 -7.00
CA PRO A 138 -0.33 -15.37 -7.56
C PRO A 138 -1.77 -15.25 -7.09
N TRP A 139 -2.45 -16.39 -6.99
CA TRP A 139 -3.86 -16.33 -6.61
C TRP A 139 -4.06 -15.72 -5.23
N HIS A 140 -3.27 -16.14 -4.23
CA HIS A 140 -3.45 -15.55 -2.91
C HIS A 140 -3.11 -14.06 -2.92
N VAL A 141 -2.09 -13.66 -3.70
CA VAL A 141 -1.64 -12.28 -3.71
C VAL A 141 -2.68 -11.39 -4.38
N VAL A 142 -3.26 -11.84 -5.51
CA VAL A 142 -4.21 -11.00 -6.21
C VAL A 142 -5.60 -11.10 -5.59
N SER A 143 -5.76 -12.01 -4.62
CA SER A 143 -6.96 -12.09 -3.81
C SER A 143 -6.87 -11.16 -2.59
N GLY A 144 -5.72 -10.52 -2.38
CA GLY A 144 -5.60 -9.48 -1.38
C GLY A 144 -4.55 -9.73 -0.31
N MET A 145 -3.81 -10.85 -0.36
CA MET A 145 -2.91 -11.20 0.74
C MET A 145 -1.54 -10.58 0.53
N ASN A 146 -1.46 -9.27 0.77
CA ASN A 146 -0.20 -8.57 0.66
C ASN A 146 -0.31 -7.26 1.42
N GLY A 147 0.83 -6.81 1.91
CA GLY A 147 0.96 -5.57 2.66
C GLY A 147 2.37 -5.08 2.54
N ALA A 148 2.83 -4.29 3.51
CA ALA A 148 4.18 -3.77 3.47
C ALA A 148 4.76 -3.57 4.87
N VAL A 149 6.09 -3.54 4.92
CA VAL A 149 6.79 -3.23 6.15
CA VAL A 149 6.87 -3.29 6.13
C VAL A 149 7.78 -2.10 5.84
N MET A 150 7.97 -1.19 6.79
CA MET A 150 8.96 -0.14 6.62
C MET A 150 10.04 -0.33 7.69
N VAL A 151 11.29 -0.39 7.26
CA VAL A 151 12.44 -0.47 8.15
C VAL A 151 13.16 0.86 8.04
N LEU A 152 13.01 1.68 9.07
CA LEU A 152 13.64 2.98 9.09
C LEU A 152 15.09 2.88 9.56
N PRO A 153 15.97 3.74 9.03
CA PRO A 153 17.26 3.97 9.67
C PRO A 153 17.03 4.48 11.09
N ARG A 154 17.94 4.17 12.01
CA ARG A 154 17.77 4.64 13.38
C ARG A 154 17.83 6.17 13.51
N ASP A 155 18.52 6.85 12.60
CA ASP A 155 18.52 8.30 12.55
C ASP A 155 17.35 8.88 11.74
N GLY A 156 16.39 8.08 11.32
CA GLY A 156 15.29 8.58 10.50
C GLY A 156 15.73 8.71 9.04
N LEU A 157 14.86 9.30 8.21
CA LEU A 157 15.16 9.54 6.81
C LEU A 157 16.18 10.66 6.63
N ASN A 158 16.91 10.60 5.51
CA ASN A 158 17.76 11.69 5.08
C ASN A 158 17.69 11.86 3.57
N ASP A 159 18.21 12.98 3.10
CA ASP A 159 18.10 13.35 1.70
C ASP A 159 19.27 12.83 0.88
N GLY A 160 20.12 12.00 1.46
CA GLY A 160 21.28 11.44 0.75
C GLY A 160 22.44 12.42 0.64
N HIS A 161 22.26 13.67 1.12
CA HIS A 161 23.28 14.71 1.09
C HIS A 161 23.50 15.25 2.52
N GLY A 162 23.30 14.39 3.53
CA GLY A 162 23.58 14.68 4.92
C GLY A 162 22.53 15.55 5.61
N HIS A 163 21.33 15.73 5.04
CA HIS A 163 20.31 16.53 5.71
C HIS A 163 19.17 15.60 6.13
N SER A 164 18.74 15.72 7.39
CA SER A 164 17.61 14.95 7.88
C SER A 164 16.31 15.33 7.18
N LEU A 165 15.45 14.32 6.96
CA LEU A 165 14.09 14.52 6.50
C LEU A 165 13.16 13.97 7.55
N ARG A 166 12.14 14.74 7.92
CA ARG A 166 11.14 14.30 8.88
CA ARG A 166 11.14 14.30 8.88
C ARG A 166 9.75 14.48 8.27
N TYR A 167 8.88 13.47 8.40
CA TYR A 167 7.51 13.63 7.95
C TYR A 167 6.60 13.98 9.12
N ASP A 168 5.60 14.81 8.83
CA ASP A 168 4.56 15.19 9.77
C ASP A 168 3.42 14.17 9.78
N ARG A 169 3.18 13.49 8.65
CA ARG A 169 2.13 12.50 8.51
C ARG A 169 2.62 11.41 7.56
N ILE A 170 2.08 10.20 7.76
CA ILE A 170 2.42 9.07 6.90
C ILE A 170 1.13 8.35 6.54
N TYR A 171 0.97 8.02 5.26
CA TYR A 171 -0.13 7.22 4.75
C TYR A 171 0.46 6.07 3.94
N TYR A 172 -0.21 4.93 4.07
CA TYR A 172 0.12 3.74 3.31
C TYR A 172 -1.00 3.45 2.33
N ILE A 173 -0.64 3.55 1.03
CA ILE A 173 -1.55 3.29 -0.08
CA ILE A 173 -1.58 3.28 -0.04
C ILE A 173 -1.14 1.96 -0.69
N GLY A 174 -1.92 0.93 -0.45
CA GLY A 174 -1.71 -0.35 -1.09
C GLY A 174 -2.59 -0.43 -2.33
N GLU A 175 -1.98 -0.72 -3.48
CA GLU A 175 -2.71 -0.86 -4.73
C GLU A 175 -2.89 -2.33 -5.06
N GLN A 176 -4.09 -2.71 -5.47
CA GLN A 176 -4.43 -4.10 -5.71
C GLN A 176 -5.01 -4.23 -7.11
N ASP A 177 -4.41 -5.12 -7.93
CA ASP A 177 -4.96 -5.54 -9.20
C ASP A 177 -5.86 -6.72 -8.91
N LEU A 178 -7.10 -6.66 -9.41
CA LEU A 178 -8.06 -7.73 -9.22
C LEU A 178 -8.49 -8.27 -10.56
N TYR A 179 -8.83 -9.56 -10.57
CA TYR A 179 -9.19 -10.32 -11.77
C TYR A 179 -10.55 -10.99 -11.56
N VAL A 180 -11.63 -10.27 -11.76
CA VAL A 180 -12.95 -10.77 -11.45
C VAL A 180 -13.59 -11.40 -12.69
N PRO A 181 -13.97 -12.68 -12.63
CA PRO A 181 -14.61 -13.32 -13.76
C PRO A 181 -15.92 -12.68 -14.19
N ARG A 182 -16.17 -12.78 -15.50
CA ARG A 182 -17.39 -12.31 -16.11
C ARG A 182 -18.14 -13.45 -16.79
N ASP A 183 -19.47 -13.32 -16.85
CA ASP A 183 -20.28 -14.26 -17.62
C ASP A 183 -20.29 -13.85 -19.09
N GLU A 184 -21.09 -14.55 -19.90
CA GLU A 184 -21.11 -14.34 -21.33
C GLU A 184 -21.55 -12.94 -21.70
N LYS A 185 -22.43 -12.33 -20.92
CA LYS A 185 -22.88 -10.99 -21.23
C LYS A 185 -21.93 -9.94 -20.69
N GLY A 186 -20.93 -10.31 -19.88
CA GLY A 186 -20.00 -9.30 -19.39
C GLY A 186 -20.24 -8.93 -17.93
N ASN A 187 -21.30 -9.46 -17.31
CA ASN A 187 -21.58 -9.22 -15.91
C ASN A 187 -20.55 -9.94 -15.04
N PHE A 188 -20.16 -9.32 -13.91
CA PHE A 188 -19.25 -10.01 -12.99
C PHE A 188 -19.95 -11.16 -12.28
N LYS A 189 -19.24 -12.27 -12.14
CA LYS A 189 -19.76 -13.47 -11.51
C LYS A 189 -19.49 -13.40 -10.00
N SER A 190 -20.38 -14.05 -9.22
CA SER A 190 -20.20 -14.20 -7.79
CA SER A 190 -20.22 -14.20 -7.78
C SER A 190 -20.10 -15.68 -7.42
N TYR A 191 -19.42 -15.93 -6.31
CA TYR A 191 -19.11 -17.29 -5.88
C TYR A 191 -19.40 -17.38 -4.38
N ASP A 192 -19.57 -18.61 -3.89
CA ASP A 192 -19.86 -18.82 -2.49
C ASP A 192 -18.57 -19.04 -1.67
N SER A 193 -17.42 -19.24 -2.33
CA SER A 193 -16.19 -19.50 -1.60
C SER A 193 -15.02 -19.15 -2.52
N PRO A 194 -13.84 -18.95 -1.94
CA PRO A 194 -12.62 -18.71 -2.77
C PRO A 194 -12.33 -19.90 -3.66
N GLY A 195 -12.44 -21.10 -3.07
CA GLY A 195 -12.20 -22.32 -3.82
C GLY A 195 -13.06 -22.38 -5.08
N GLU A 196 -14.35 -22.03 -4.95
CA GLU A 196 -15.24 -22.10 -6.10
C GLU A 196 -14.89 -21.08 -7.20
N ALA A 197 -14.31 -19.95 -6.82
CA ALA A 197 -13.96 -18.88 -7.74
C ALA A 197 -12.65 -19.17 -8.49
N TYR A 198 -11.87 -20.14 -8.01
CA TYR A 198 -10.47 -20.26 -8.40
C TYR A 198 -10.36 -20.45 -9.91
N SER A 199 -11.06 -21.44 -10.47
CA SER A 199 -10.79 -21.83 -11.85
C SER A 199 -11.13 -20.69 -12.81
N ASP A 200 -12.25 -20.05 -12.58
CA ASP A 200 -12.64 -18.93 -13.43
C ASP A 200 -11.69 -17.74 -13.24
N THR A 201 -11.20 -17.53 -12.01
CA THR A 201 -10.34 -16.38 -11.73
C THR A 201 -8.99 -16.61 -12.43
N GLU A 202 -8.47 -17.86 -12.37
CA GLU A 202 -7.19 -18.17 -12.98
C GLU A 202 -7.23 -17.91 -14.47
N GLU A 203 -8.38 -18.14 -15.12
CA GLU A 203 -8.55 -17.85 -16.53
C GLU A 203 -8.38 -16.35 -16.84
N VAL A 204 -8.91 -15.50 -15.96
CA VAL A 204 -8.79 -14.05 -16.14
C VAL A 204 -7.34 -13.64 -15.88
N MET A 205 -6.74 -14.19 -14.82
CA MET A 205 -5.37 -13.88 -14.48
C MET A 205 -4.41 -14.17 -15.65
N ARG A 206 -4.64 -15.28 -16.35
CA ARG A 206 -3.75 -15.69 -17.43
C ARG A 206 -3.68 -14.64 -18.53
N LYS A 207 -4.74 -13.85 -18.74
CA LYS A 207 -4.71 -12.81 -19.76
C LYS A 207 -4.10 -11.48 -19.29
N LEU A 208 -3.66 -11.41 -18.03
CA LEU A 208 -2.79 -10.38 -17.46
C LEU A 208 -3.44 -9.00 -17.44
N THR A 209 -4.73 -8.88 -17.64
CA THR A 209 -5.39 -7.60 -17.66
C THR A 209 -6.36 -7.56 -16.49
N PRO A 210 -6.16 -6.68 -15.52
CA PRO A 210 -7.09 -6.64 -14.40
C PRO A 210 -8.44 -6.04 -14.77
N THR A 211 -9.48 -6.43 -14.01
CA THR A 211 -10.80 -5.85 -14.16
C THR A 211 -10.92 -4.62 -13.27
N HIS A 212 -10.15 -4.56 -12.21
CA HIS A 212 -10.16 -3.47 -11.25
C HIS A 212 -8.75 -3.25 -10.74
N VAL A 213 -8.43 -2.00 -10.45
CA VAL A 213 -7.16 -1.60 -9.87
C VAL A 213 -7.55 -0.58 -8.77
N VAL A 214 -7.36 -0.96 -7.52
CA VAL A 214 -7.96 -0.19 -6.43
C VAL A 214 -6.91 0.14 -5.37
N PHE A 215 -7.15 1.24 -4.64
CA PHE A 215 -6.37 1.57 -3.47
C PHE A 215 -7.19 1.27 -2.21
N ASN A 216 -6.55 0.69 -1.22
CA ASN A 216 -7.21 0.40 0.06
C ASN A 216 -8.44 -0.46 -0.18
N GLY A 217 -8.39 -1.35 -1.17
CA GLY A 217 -9.31 -2.47 -1.26
C GLY A 217 -10.59 -2.22 -2.04
N LYS A 218 -10.87 -0.98 -2.48
CA LYS A 218 -12.06 -0.78 -3.31
CA LYS A 218 -12.11 -0.72 -3.22
C LYS A 218 -12.02 0.54 -4.05
N ALA A 219 -12.66 0.57 -5.20
CA ALA A 219 -12.84 1.82 -5.91
C ALA A 219 -13.49 2.82 -4.98
N GLY A 220 -12.92 4.00 -4.90
CA GLY A 220 -13.48 5.10 -4.14
C GLY A 220 -13.19 5.02 -2.64
N ALA A 221 -12.39 4.03 -2.21
CA ALA A 221 -12.11 3.86 -0.80
C ALA A 221 -11.59 5.14 -0.17
N LEU A 222 -10.73 5.86 -0.87
CA LEU A 222 -10.02 6.99 -0.27
C LEU A 222 -10.47 8.29 -0.90
N THR A 223 -11.75 8.33 -1.30
CA THR A 223 -12.37 9.53 -1.84
C THR A 223 -13.55 9.91 -0.93
N GLY A 224 -14.12 11.09 -1.17
CA GLY A 224 -15.28 11.54 -0.42
C GLY A 224 -14.93 11.77 1.04
N LYS A 225 -15.66 11.13 1.94
CA LYS A 225 -15.42 11.32 3.36
C LYS A 225 -14.19 10.57 3.84
N ASN A 226 -13.61 9.66 3.04
CA ASN A 226 -12.40 8.98 3.46
C ASN A 226 -11.20 9.55 2.71
N ALA A 227 -11.34 10.76 2.20
CA ALA A 227 -10.15 11.49 1.73
C ALA A 227 -9.08 11.58 2.80
N LEU A 228 -7.82 11.64 2.39
CA LEU A 228 -6.71 11.74 3.31
C LEU A 228 -6.51 13.22 3.65
N ASN A 229 -6.30 13.54 4.92
CA ASN A 229 -6.18 14.93 5.36
C ASN A 229 -4.71 15.37 5.45
N ALA A 230 -4.48 16.64 5.11
CA ALA A 230 -3.21 17.29 5.33
C ALA A 230 -3.44 18.80 5.46
N ASN A 231 -2.37 19.49 5.78
CA ASN A 231 -2.36 20.96 5.90
C ASN A 231 -1.24 21.53 5.05
N VAL A 232 -1.44 22.75 4.53
CA VAL A 232 -0.37 23.45 3.87
C VAL A 232 0.82 23.51 4.82
N GLY A 233 2.00 23.20 4.32
CA GLY A 233 3.24 23.23 5.04
C GLY A 233 3.68 21.89 5.62
N GLU A 234 2.77 20.89 5.67
CA GLU A 234 3.09 19.58 6.23
C GLU A 234 3.86 18.73 5.20
N ASN A 235 4.91 18.06 5.68
CA ASN A 235 5.63 17.07 4.91
CA ASN A 235 5.63 17.06 4.91
C ASN A 235 4.94 15.71 5.10
N VAL A 236 4.39 15.16 4.02
CA VAL A 236 3.64 13.92 4.08
C VAL A 236 4.40 12.81 3.35
N LEU A 237 4.57 11.68 4.02
CA LEU A 237 5.18 10.49 3.41
C LEU A 237 4.05 9.60 2.93
N ILE A 238 4.11 9.27 1.63
CA ILE A 238 3.17 8.33 1.04
C ILE A 238 3.96 7.09 0.65
N VAL A 239 3.65 6.01 1.33
CA VAL A 239 4.19 4.69 1.03
C VAL A 239 3.21 4.02 0.09
N HIS A 240 3.72 3.48 -1.02
CA HIS A 240 2.87 2.87 -2.02
C HIS A 240 3.43 1.47 -2.30
N SER A 241 2.57 0.44 -2.28
CA SER A 241 3.03 -0.90 -2.58
C SER A 241 2.17 -1.51 -3.67
N GLN A 242 2.80 -2.43 -4.42
CA GLN A 242 2.09 -3.19 -5.41
C GLN A 242 2.82 -4.54 -5.44
N ALA A 243 2.16 -5.59 -5.01
CA ALA A 243 2.79 -6.91 -4.87
C ALA A 243 2.90 -7.69 -6.19
N ASN A 244 2.19 -7.27 -7.28
CA ASN A 244 2.09 -8.13 -8.45
C ASN A 244 2.25 -7.40 -9.78
N ARG A 245 2.03 -6.08 -9.82
CA ARG A 245 1.94 -5.37 -11.10
C ARG A 245 2.49 -3.96 -10.92
N ASP A 246 3.07 -3.40 -11.98
CA ASP A 246 3.66 -2.07 -11.92
C ASP A 246 2.58 -1.02 -11.69
N SER A 247 2.98 0.05 -11.03
CA SER A 247 2.14 1.24 -10.87
C SER A 247 2.99 2.50 -11.10
N ARG A 248 2.32 3.62 -11.46
CA ARG A 248 3.02 4.87 -11.72
C ARG A 248 2.32 6.00 -10.93
N PRO A 249 2.59 6.09 -9.63
CA PRO A 249 1.97 7.13 -8.80
C PRO A 249 2.24 8.57 -9.22
N HIS A 250 1.18 9.39 -9.03
CA HIS A 250 1.22 10.79 -9.39
C HIS A 250 0.28 11.52 -8.44
N LEU A 251 0.77 12.63 -7.83
CA LEU A 251 -0.08 13.49 -7.02
C LEU A 251 -0.52 14.66 -7.86
N ILE A 252 -1.76 14.70 -8.29
CA ILE A 252 -2.25 15.69 -9.22
C ILE A 252 -2.34 17.05 -8.52
N GLY A 253 -1.58 17.99 -9.04
CA GLY A 253 -1.42 19.33 -8.45
C GLY A 253 -0.20 19.45 -7.55
N GLY A 254 0.49 18.30 -7.30
CA GLY A 254 1.71 18.30 -6.52
C GLY A 254 2.86 17.59 -7.24
N HIS A 255 3.83 17.19 -6.43
CA HIS A 255 5.06 16.59 -6.91
C HIS A 255 5.51 15.58 -5.88
N GLY A 256 6.53 14.80 -6.23
CA GLY A 256 7.30 14.09 -5.24
C GLY A 256 8.55 14.89 -4.95
N ASP A 257 8.65 15.51 -3.77
CA ASP A 257 9.81 16.29 -3.45
C ASP A 257 11.04 15.40 -3.31
N TYR A 258 10.87 14.31 -2.60
CA TYR A 258 11.90 13.30 -2.41
C TYR A 258 11.23 11.98 -2.64
N VAL A 259 11.75 11.20 -3.59
CA VAL A 259 11.13 9.95 -3.96
C VAL A 259 12.16 8.82 -3.98
N TRP A 260 11.86 7.74 -3.26
CA TRP A 260 12.62 6.50 -3.31
C TRP A 260 11.75 5.49 -4.08
N GLU A 261 11.85 5.50 -5.41
CA GLU A 261 10.85 4.77 -6.15
C GLU A 261 11.10 3.26 -6.05
N THR A 262 12.37 2.86 -5.90
CA THR A 262 12.71 1.48 -5.59
C THR A 262 12.57 1.18 -4.10
N GLY A 263 12.35 2.21 -3.28
CA GLY A 263 11.85 2.05 -1.94
C GLY A 263 12.94 1.82 -0.89
N LYS A 264 14.21 2.03 -1.19
CA LYS A 264 15.25 1.57 -0.29
C LYS A 264 16.11 2.75 0.18
N PHE A 265 16.13 2.98 1.51
CA PHE A 265 16.66 4.23 2.06
C PHE A 265 18.17 4.28 2.08
N SER A 266 18.87 3.21 1.70
CA SER A 266 20.32 3.31 1.50
C SER A 266 20.69 4.08 0.23
N ASN A 267 19.70 4.32 -0.63
CA ASN A 267 19.89 5.05 -1.88
C ASN A 267 19.34 6.45 -1.68
N ALA A 268 20.05 7.45 -2.24
CA ALA A 268 19.53 8.79 -2.14
C ALA A 268 18.21 8.88 -2.93
N PRO A 269 17.26 9.70 -2.47
CA PRO A 269 16.00 9.92 -3.20
C PRO A 269 16.24 10.78 -4.43
N GLU A 270 15.36 10.63 -5.41
CA GLU A 270 15.29 11.57 -6.51
C GLU A 270 14.41 12.73 -6.08
N THR A 271 14.65 13.91 -6.69
CA THR A 271 13.96 15.12 -6.29
C THR A 271 13.06 15.65 -7.41
N GLY A 272 11.89 16.20 -7.02
CA GLY A 272 11.03 16.98 -7.88
C GLY A 272 10.33 16.18 -8.98
N LEU A 273 9.91 14.96 -8.69
CA LEU A 273 9.31 14.11 -9.69
C LEU A 273 7.85 14.48 -9.93
N GLU A 274 7.40 14.26 -11.15
CA GLU A 274 5.99 14.40 -11.49
C GLU A 274 5.27 13.08 -11.24
N THR A 275 5.86 12.01 -11.75
CA THR A 275 5.29 10.68 -11.67
C THR A 275 6.43 9.74 -11.37
N TRP A 276 6.20 8.76 -10.49
CA TRP A 276 7.23 7.80 -10.17
C TRP A 276 6.74 6.40 -10.52
N PHE A 277 7.54 5.39 -10.24
CA PHE A 277 7.28 4.05 -10.74
C PHE A 277 7.52 3.04 -9.64
N ILE A 278 6.48 2.31 -9.30
CA ILE A 278 6.57 1.21 -8.34
C ILE A 278 6.57 -0.10 -9.12
N ARG A 279 7.69 -0.80 -9.09
CA ARG A 279 7.79 -2.08 -9.78
C ARG A 279 6.87 -3.07 -9.10
N GLY A 280 6.17 -3.88 -9.89
CA GLY A 280 5.38 -4.95 -9.28
C GLY A 280 6.29 -5.82 -8.44
N GLY A 281 5.85 -6.14 -7.23
CA GLY A 281 6.65 -6.84 -6.25
C GLY A 281 7.48 -5.91 -5.37
N SER A 282 7.10 -4.64 -5.24
CA SER A 282 7.89 -3.73 -4.44
C SER A 282 7.00 -2.66 -3.82
N ALA A 283 7.63 -1.96 -2.88
CA ALA A 283 7.08 -0.75 -2.29
C ALA A 283 8.03 0.41 -2.56
N GLY A 284 7.46 1.60 -2.68
CA GLY A 284 8.24 2.81 -2.77
C GLY A 284 7.64 3.88 -1.86
N ALA A 285 8.34 5.01 -1.72
CA ALA A 285 7.89 6.05 -0.81
C ALA A 285 8.24 7.42 -1.39
N ALA A 286 7.31 8.36 -1.21
CA ALA A 286 7.49 9.73 -1.68
C ALA A 286 7.11 10.67 -0.54
N LEU A 287 7.95 11.69 -0.37
CA LEU A 287 7.73 12.79 0.57
CA LEU A 287 7.67 12.75 0.57
C LEU A 287 7.29 14.01 -0.21
N TYR A 288 6.23 14.68 0.25
CA TYR A 288 5.84 15.90 -0.38
C TYR A 288 5.42 16.89 0.71
N LYS A 289 5.85 18.14 0.57
CA LYS A 289 5.36 19.23 1.42
CA LYS A 289 5.34 19.21 1.43
C LYS A 289 4.29 20.00 0.65
N PHE A 290 3.06 19.97 1.14
CA PHE A 290 1.96 20.68 0.51
C PHE A 290 2.15 22.19 0.59
N LEU A 291 1.92 22.82 -0.55
CA LEU A 291 2.15 24.25 -0.74
C LEU A 291 0.85 24.98 -1.01
N GLN A 292 -0.22 24.27 -1.34
CA GLN A 292 -1.47 24.82 -1.77
C GLN A 292 -2.57 24.00 -1.11
N PRO A 293 -3.65 24.66 -0.68
CA PRO A 293 -4.81 23.95 -0.17
C PRO A 293 -5.63 23.38 -1.32
N GLY A 294 -6.63 22.62 -0.96
CA GLY A 294 -7.59 22.12 -1.93
C GLY A 294 -7.52 20.60 -2.06
N ILE A 295 -8.29 20.13 -3.05
CA ILE A 295 -8.36 18.72 -3.34
CA ILE A 295 -8.36 18.72 -3.36
C ILE A 295 -7.19 18.36 -4.25
N TYR A 296 -6.54 17.24 -3.90
CA TYR A 296 -5.53 16.65 -4.75
C TYR A 296 -6.00 15.23 -5.05
N ALA A 297 -5.82 14.77 -6.28
CA ALA A 297 -6.06 13.35 -6.57
C ALA A 297 -4.69 12.66 -6.62
N TYR A 298 -4.61 11.50 -5.97
CA TYR A 298 -3.46 10.65 -6.04
C TYR A 298 -3.86 9.44 -6.89
N VAL A 299 -3.14 9.22 -8.00
CA VAL A 299 -3.57 8.27 -9.00
C VAL A 299 -2.38 7.40 -9.40
N THR A 300 -2.64 6.27 -10.02
CA THR A 300 -1.69 5.72 -10.97
C THR A 300 -1.94 6.41 -12.30
N HIS A 301 -0.86 6.88 -12.95
CA HIS A 301 -0.99 7.69 -14.13
C HIS A 301 -1.11 6.88 -15.42
N ASN A 302 -1.64 5.65 -15.34
CA ASN A 302 -2.45 5.13 -16.43
C ASN A 302 -3.85 5.61 -16.08
N LEU A 303 -4.30 6.65 -16.79
CA LEU A 303 -5.51 7.35 -16.39
C LEU A 303 -6.74 6.48 -16.65
N ILE A 304 -6.62 5.48 -17.54
CA ILE A 304 -7.72 4.54 -17.71
C ILE A 304 -7.93 3.80 -16.40
N GLU A 305 -6.81 3.28 -15.88
CA GLU A 305 -6.89 2.59 -14.59
C GLU A 305 -7.39 3.53 -13.49
N ALA A 306 -6.84 4.75 -13.45
CA ALA A 306 -7.23 5.70 -12.42
C ALA A 306 -8.71 6.02 -12.43
N ALA A 307 -9.25 6.39 -13.60
CA ALA A 307 -10.61 6.91 -13.68
C ALA A 307 -11.64 5.79 -13.86
N ASN A 308 -11.28 4.72 -14.59
CA ASN A 308 -12.26 3.73 -15.03
C ASN A 308 -12.14 2.38 -14.32
N LEU A 309 -11.00 2.07 -13.67
CA LEU A 309 -10.82 0.77 -13.02
C LEU A 309 -10.70 0.88 -11.50
N GLY A 310 -10.65 2.12 -10.98
CA GLY A 310 -10.82 2.39 -9.55
C GLY A 310 -9.64 3.02 -8.81
N ALA A 311 -8.54 3.39 -9.48
CA ALA A 311 -7.27 3.72 -8.86
C ALA A 311 -7.06 5.23 -8.68
N THR A 312 -7.95 5.83 -7.87
CA THR A 312 -7.85 7.23 -7.49
C THR A 312 -8.15 7.37 -5.99
N ALA A 313 -7.25 8.08 -5.29
CA ALA A 313 -7.45 8.56 -3.92
C ALA A 313 -7.49 10.08 -3.92
N HIS A 314 -8.09 10.66 -2.86
CA HIS A 314 -8.04 12.09 -2.70
C HIS A 314 -7.33 12.50 -1.43
N PHE A 315 -6.63 13.64 -1.49
CA PHE A 315 -6.20 14.38 -0.32
C PHE A 315 -7.02 15.67 -0.24
N LYS A 316 -7.45 16.00 0.98
CA LYS A 316 -8.09 17.28 1.22
C LYS A 316 -7.12 18.09 2.09
N VAL A 317 -6.67 19.22 1.58
CA VAL A 317 -5.58 19.94 2.20
C VAL A 317 -6.12 21.32 2.63
N GLU A 318 -6.03 21.60 3.93
CA GLU A 318 -6.50 22.86 4.50
C GLU A 318 -5.37 23.90 4.49
N GLY A 319 -5.74 25.16 4.25
CA GLY A 319 -4.82 26.26 4.35
C GLY A 319 -5.21 27.40 3.41
N LYS A 320 -4.30 28.34 3.20
CA LYS A 320 -4.52 29.51 2.37
C LYS A 320 -3.86 29.36 1.01
N TRP A 321 -4.57 29.78 -0.02
CA TRP A 321 -4.10 29.73 -1.40
C TRP A 321 -2.98 30.74 -1.66
N ASN A 322 -1.97 30.29 -2.40
CA ASN A 322 -0.81 31.09 -2.75
C ASN A 322 -0.93 31.51 -4.20
N ASP A 323 -1.35 32.75 -4.46
CA ASP A 323 -1.54 33.21 -5.83
C ASP A 323 -0.23 33.43 -6.57
N ASP A 324 0.88 33.49 -5.85
CA ASP A 324 2.18 33.57 -6.51
C ASP A 324 2.47 32.28 -7.29
N LEU A 325 2.13 31.12 -6.71
CA LEU A 325 2.42 29.84 -7.35
C LEU A 325 1.49 29.59 -8.52
N MET A 326 0.23 30.02 -8.41
CA MET A 326 -0.77 29.79 -9.41
C MET A 326 -1.93 30.76 -9.17
N THR A 327 -2.43 31.31 -10.27
CA THR A 327 -3.64 32.12 -10.18
C THR A 327 -4.42 32.05 -11.49
N GLN A 328 -5.74 32.17 -11.36
CA GLN A 328 -6.57 32.38 -12.53
C GLN A 328 -6.56 33.88 -12.86
N VAL A 329 -5.87 34.23 -13.95
CA VAL A 329 -5.73 35.63 -14.30
C VAL A 329 -7.06 36.17 -14.84
N LYS A 330 -7.76 35.39 -15.65
CA LYS A 330 -9.07 35.76 -16.14
CA LYS A 330 -9.07 35.76 -16.15
C LYS A 330 -9.95 34.52 -16.16
N ALA A 331 -11.09 34.61 -15.48
CA ALA A 331 -12.09 33.56 -15.45
C ALA A 331 -12.61 33.30 -16.86
N PRO A 332 -13.18 32.11 -17.10
CA PRO A 332 -13.82 31.78 -18.38
C PRO A 332 -14.69 32.93 -18.88
N ALA A 333 -14.47 33.31 -20.13
CA ALA A 333 -15.18 34.40 -20.79
C ALA A 333 -15.35 34.03 -22.25
N ASP A 334 -16.36 34.63 -22.90
CA ASP A 334 -16.57 34.50 -24.32
C ASP A 334 -15.29 34.92 -25.07
N ILE A 335 -14.99 34.20 -26.14
CA ILE A 335 -13.84 34.53 -26.95
C ILE A 335 -14.10 35.88 -27.63
N PRO A 336 -13.14 36.82 -27.60
CA PRO A 336 -13.34 38.15 -28.21
C PRO A 336 -13.71 38.02 -29.67
N THR A 337 -14.80 38.69 -30.09
CA THR A 337 -15.28 38.66 -31.47
C THR A 337 -14.17 39.10 -32.43
N GLY A 338 -13.28 39.98 -31.95
CA GLY A 338 -12.18 40.48 -32.75
C GLY A 338 -10.89 39.68 -32.57
N SER A 339 -10.99 38.42 -32.09
CA SER A 339 -9.88 37.48 -32.14
C SER A 339 -9.81 36.83 -33.52
N THR A 340 -8.57 36.50 -33.92
CA THR A 340 -8.28 35.81 -35.17
C THR A 340 -8.03 34.33 -34.89
C1 GLC B . 17.94 -25.53 7.89
C2 GLC B . 18.07 -25.18 9.37
C3 GLC B . 16.71 -24.96 9.98
C4 GLC B . 16.05 -23.78 9.25
C5 GLC B . 15.90 -24.20 7.78
C6 GLC B . 15.20 -23.07 7.06
O2 GLC B . 18.72 -26.23 10.06
O3 GLC B . 16.86 -24.71 11.36
O4 GLC B . 14.82 -23.43 9.89
O5 GLC B . 17.19 -24.54 7.17
O6 GLC B . 15.03 -23.40 5.66
C1 FRU B . 18.26 -28.84 7.67
C2 FRU B . 17.59 -27.73 6.85
C3 FRU B . 16.31 -28.11 6.11
C4 FRU B . 16.27 -27.07 5.00
C5 FRU B . 17.73 -26.98 4.59
C6 FRU B . 18.12 -25.62 3.96
O1 FRU B . 19.17 -29.60 6.88
O2 FRU B . 17.22 -26.76 7.85
O3 FRU B . 15.12 -28.04 6.92
O4 FRU B . 15.40 -27.39 3.92
O5 FRU B . 18.48 -27.24 5.81
O6 FRU B . 19.51 -25.65 3.57
C1 GLC C . -24.76 -8.49 -7.08
C2 GLC C . -24.15 -9.25 -5.92
C3 GLC C . -22.61 -9.15 -5.97
C4 GLC C . -22.09 -9.54 -7.35
C5 GLC C . -22.82 -8.89 -8.52
C6 GLC C . -22.45 -9.65 -9.81
O2 GLC C . -24.62 -8.64 -4.70
O3 GLC C . -22.01 -10.03 -5.01
O4 GLC C . -20.69 -9.29 -7.47
O5 GLC C . -24.25 -9.00 -8.33
O6 GLC C . -22.74 -11.10 -9.69
C1 FRU C . -25.79 -5.11 -6.42
C2 FRU C . -25.34 -6.11 -7.49
C3 FRU C . -24.65 -5.41 -8.67
C4 FRU C . -25.05 -6.30 -9.84
C5 FRU C . -26.48 -6.69 -9.49
C6 FRU C . -26.80 -8.05 -10.14
O1 FRU C . -24.73 -4.33 -5.79
O2 FRU C . -24.45 -7.10 -6.91
O3 FRU C . -23.22 -5.29 -8.55
O4 FRU C . -24.95 -5.69 -11.13
O5 FRU C . -26.55 -6.68 -8.05
O6 FRU C . -28.11 -8.51 -9.83
C1 GLC D . 10.48 21.97 -2.53
C2 GLC D . 9.90 21.85 -1.11
C3 GLC D . 10.99 22.17 -0.08
C4 GLC D . 12.22 21.34 -0.34
C5 GLC D . 12.67 21.71 -1.75
C6 GLC D . 14.03 21.14 -2.13
O2 GLC D . 8.74 22.67 -0.90
O3 GLC D . 10.56 21.89 1.24
O4 GLC D . 13.25 21.62 0.62
O5 GLC D . 11.66 21.17 -2.62
O6 GLC D . 13.84 19.73 -2.20
C1 FRU D . 8.84 24.31 -3.68
C2 FRU D . 10.32 24.04 -3.86
C3 FRU D . 11.11 25.36 -3.99
C4 FRU D . 12.37 24.88 -4.64
C5 FRU D . 11.74 23.98 -5.68
C6 FRU D . 12.75 23.02 -6.31
O1 FRU D . 8.27 25.06 -4.77
O2 FRU D . 10.90 23.29 -2.78
O3 FRU D . 11.32 26.09 -2.75
O4 FRU D . 13.09 25.97 -5.24
O5 FRU D . 10.64 23.30 -5.05
O6 FRU D . 13.02 22.05 -5.33
C1 GLC E . -20.17 -5.04 -16.94
C2 GLC E . -20.48 -4.91 -15.44
C3 GLC E . -20.41 -3.48 -14.82
C4 GLC E . -19.12 -2.82 -15.35
C5 GLC E . -18.81 -3.11 -16.83
C6 GLC E . -17.37 -2.71 -17.13
O2 GLC E . -21.77 -5.56 -15.25
O3 GLC E . -20.44 -3.54 -13.33
O4 GLC E . -19.22 -1.40 -15.25
O5 GLC E . -18.89 -4.46 -17.25
O6 GLC E . -16.52 -3.48 -16.30
C1 FRU E . -22.93 -5.87 -18.38
C2 FRU E . -21.69 -5.08 -18.84
C3 FRU E . -22.02 -4.07 -19.90
C4 FRU E . -20.68 -3.93 -20.61
C5 FRU E . -20.19 -5.37 -20.64
C6 FRU E . -18.69 -5.64 -20.78
O1 FRU E . -23.24 -6.87 -19.39
O2 FRU E . -21.12 -4.33 -17.75
O3 FRU E . -22.61 -2.95 -19.22
O4 FRU E . -20.85 -3.57 -21.96
O5 FRU E . -20.73 -5.94 -19.44
O6 FRU E . -17.85 -4.89 -19.89
CU CU F . -2.86 -17.06 1.56
CU CU G . 7.46 -11.70 -3.36
N NO2 H . 8.47 -13.39 -3.56
O1 NO2 H . 8.66 -12.99 -2.42
O2 NO2 H . 7.43 -13.53 -4.26
N NO2 I . -3.83 -22.18 -0.80
O1 NO2 I . -3.04 -22.67 0.04
O2 NO2 I . -4.84 -22.50 -1.55
N NO J . 4.89 -5.22 25.17
O NO J . 5.07 -4.00 24.93
C1 GOL K . -6.08 -4.19 11.54
O1 GOL K . -4.65 -4.23 11.38
C2 GOL K . -6.50 -3.96 12.98
O2 GOL K . -5.57 -3.06 13.58
C3 GOL K . -7.91 -3.41 13.10
O3 GOL K . -8.31 -3.33 14.48
C1 GOL L . -7.30 33.04 -30.42
O1 GOL L . -5.97 33.06 -30.93
C2 GOL L . -8.13 32.01 -31.13
O2 GOL L . -9.47 32.49 -31.18
C3 GOL L . -7.59 31.66 -32.49
O3 GOL L . -8.63 31.45 -33.45
N NO M . -17.66 -13.84 -5.30
O NO M . -18.36 -12.86 -4.91
C CO2 N . 8.79 -13.79 -0.28
O1 CO2 N . 9.55 -13.14 0.35
O2 CO2 N . 8.03 -14.41 -0.96
S SO4 O . -20.73 -18.05 -18.28
O1 SO4 O . -19.46 -17.50 -18.65
O2 SO4 O . -20.93 -17.95 -16.86
O3 SO4 O . -20.74 -19.44 -18.64
O4 SO4 O . -21.81 -17.36 -18.98
S SO4 P . -12.02 37.82 -14.12
O1 SO4 P . -11.30 36.69 -13.64
O2 SO4 P . -11.42 39.02 -13.64
O3 SO4 P . -13.38 37.73 -13.66
O4 SO4 P . -11.99 37.84 -15.56
S SO4 Q . 19.99 18.53 9.09
O1 SO4 Q . 20.31 17.13 9.17
O2 SO4 Q . 20.03 19.09 10.42
O3 SO4 Q . 18.68 18.70 8.54
O4 SO4 Q . 20.96 19.18 8.26
S SO4 R . 14.57 -17.13 21.69
O1 SO4 R . 14.31 -15.87 22.36
O2 SO4 R . 14.81 -18.14 22.68
O3 SO4 R . 15.73 -16.99 20.85
O4 SO4 R . 13.43 -17.51 20.89
S SO4 S . -7.84 31.26 0.64
O1 SO4 S . -6.68 32.02 0.95
O2 SO4 S . -8.73 31.23 1.78
O3 SO4 S . -7.45 29.94 0.34
O4 SO4 S . -8.54 31.86 -0.45
S SO4 T . 23.81 7.18 -2.79
O1 SO4 T . 23.53 8.18 -1.78
O2 SO4 T . 24.53 6.08 -2.16
O3 SO4 T . 24.61 7.78 -3.81
O4 SO4 T . 22.57 6.70 -3.34
S SO4 U . -6.39 16.88 10.75
O1 SO4 U . -6.99 17.17 12.03
O2 SO4 U . -5.38 17.88 10.53
O3 SO4 U . -7.37 16.97 9.72
O4 SO4 U . -5.88 15.52 10.77
S SO4 V . -9.32 -10.59 -25.61
O1 SO4 V . -8.66 -11.49 -24.70
O2 SO4 V . -9.79 -9.45 -24.88
O3 SO4 V . -10.44 -11.26 -26.22
O4 SO4 V . -8.40 -10.17 -26.63
#